data_7H2P
#
_entry.id   7H2P
#
_cell.length_a   42.599
_cell.length_b   42.599
_cell.length_c   216.569
_cell.angle_alpha   90.00
_cell.angle_beta   90.00
_cell.angle_gamma   90.00
#
_symmetry.space_group_name_H-M   'P 43 2 2'
#
loop_
_entity.id
_entity.type
_entity.pdbx_description
1 polymer 'Serine protease subunit NS2B'
2 polymer 'Serine protease NS3'
3 non-polymer (8S)-3-methyl-4,5,6,7-tetrahydropyrazolo[1,5-a]pyrazine
4 non-polymer 'DIMETHYL SULFOXIDE'
5 water water
#
loop_
_entity_poly.entity_id
_entity_poly.type
_entity_poly.pdbx_seq_one_letter_code
_entity_poly.pdbx_strand_id
1 'polypeptide(L)' SMGKSVDMYIERAGDITWEKDAEVTGNSPRLDVALDESGDFSLVEE A
2 'polypeptide(L)'
;MKEVKKGETTDGVYRVMTRRLLGSTQVGVGVMQEGVFHTMWHVTKGAALRSGEGRLDPYWGDVKQDLVSYCGPWKLDAAW
DGLSEVQLLAVPPGERAKNIQTLPGIFKTKDGDIGAVALDYPAGTSGSPILDKCGRVIGLYGNGVVIKNGSYVSAITQGK
REEETPVE
;
B
#
loop_
_chem_comp.id
_chem_comp.type
_chem_comp.name
_chem_comp.formula
A1AKA non-polymer (8S)-3-methyl-4,5,6,7-tetrahydropyrazolo[1,5-a]pyrazine 'C7 H11 N3'
DMS non-polymer 'DIMETHYL SULFOXIDE' 'C2 H6 O S'
#
# COMPACT_ATOMS: atom_id res chain seq x y z
N ASP A 7 13.56 -12.77 -10.52
CA ASP A 7 12.68 -13.55 -9.63
C ASP A 7 12.36 -12.80 -8.35
N MET A 8 11.08 -12.60 -8.09
CA MET A 8 10.67 -11.85 -6.91
C MET A 8 10.33 -12.73 -5.73
N TYR A 9 10.73 -12.30 -4.55
CA TYR A 9 10.49 -13.07 -3.35
C TYR A 9 10.03 -12.20 -2.21
N ILE A 10 9.35 -12.79 -1.23
CA ILE A 10 8.86 -11.98 -0.08
C ILE A 10 9.58 -12.35 1.21
N GLU A 11 9.71 -11.36 2.14
CA GLU A 11 10.39 -11.55 3.46
C GLU A 11 9.52 -10.88 4.51
N ARG A 12 9.22 -11.55 5.64
CA ARG A 12 8.37 -10.90 6.65
C ARG A 12 9.06 -9.67 7.25
N ALA A 13 8.31 -8.58 7.46
CA ALA A 13 8.84 -7.34 8.03
C ALA A 13 8.18 -6.96 9.36
N GLY A 14 7.03 -7.53 9.69
CA GLY A 14 6.39 -7.24 10.96
C GLY A 14 4.93 -7.64 11.09
N ASP A 15 4.37 -7.37 12.27
CA ASP A 15 2.94 -7.55 12.52
C ASP A 15 2.23 -6.25 12.07
N ILE A 16 0.95 -6.35 11.79
CA ILE A 16 0.15 -5.18 11.47
C ILE A 16 -0.64 -4.79 12.73
N THR A 17 -0.17 -3.75 13.41
N THR A 17 -0.18 -3.74 13.42
CA THR A 17 -0.81 -3.27 14.62
CA THR A 17 -0.76 -3.34 14.69
C THR A 17 -0.81 -1.75 14.69
C THR A 17 -0.69 -1.81 14.88
N TRP A 18 -1.74 -1.20 15.45
CA TRP A 18 -1.76 0.24 15.73
C TRP A 18 -0.76 0.45 16.89
N GLU A 19 0.09 1.47 16.80
CA GLU A 19 1.05 1.72 17.87
C GLU A 19 0.75 3.01 18.58
N LYS A 20 0.52 2.94 19.90
CA LYS A 20 0.23 4.14 20.69
C LYS A 20 1.46 5.03 20.72
N ASP A 21 1.28 6.35 20.62
CA ASP A 21 2.41 7.29 20.61
C ASP A 21 3.41 6.98 19.47
N ALA A 22 2.87 6.74 18.27
CA ALA A 22 3.67 6.63 17.06
C ALA A 22 3.99 8.11 16.72
N GLU A 23 4.98 8.39 15.86
CA GLU A 23 5.27 9.77 15.44
C GLU A 23 4.06 10.28 14.64
N VAL A 24 3.60 11.51 14.91
CA VAL A 24 2.44 12.09 14.22
C VAL A 24 2.88 13.21 13.25
N THR A 25 2.68 13.02 11.92
CA THR A 25 3.10 14.03 10.95
C THR A 25 2.23 14.01 9.66
N GLY A 26 2.47 14.94 8.73
CA GLY A 26 1.75 15.00 7.48
C GLY A 26 0.55 15.92 7.50
N ASN A 27 0.31 16.63 6.39
CA ASN A 27 -0.85 17.50 6.30
C ASN A 27 -2.05 16.73 5.69
N SER A 28 -3.20 17.39 5.43
CA SER A 28 -4.41 16.73 4.94
C SER A 28 -4.99 17.47 3.73
N PRO A 29 -4.29 17.47 2.58
CA PRO A 29 -4.77 18.26 1.44
C PRO A 29 -6.04 17.71 0.80
N ARG A 30 -6.94 18.61 0.34
CA ARG A 30 -8.17 18.25 -0.38
C ARG A 30 -7.89 18.62 -1.83
N LEU A 31 -7.78 17.63 -2.72
CA LEU A 31 -7.33 17.85 -4.09
C LEU A 31 -8.29 17.27 -5.11
N ASP A 32 -8.49 17.95 -6.23
CA ASP A 32 -9.31 17.40 -7.33
C ASP A 32 -8.36 16.62 -8.19
N VAL A 33 -8.64 15.34 -8.40
CA VAL A 33 -7.76 14.49 -9.17
C VAL A 33 -8.54 13.67 -10.19
N ALA A 34 -7.83 13.15 -11.19
CA ALA A 34 -8.39 12.27 -12.24
C ALA A 34 -7.58 10.97 -12.25
N LEU A 35 -8.22 9.82 -12.53
CA LEU A 35 -7.51 8.54 -12.55
C LEU A 35 -7.64 8.01 -13.98
N ASP A 36 -6.52 7.77 -14.67
CA ASP A 36 -6.59 7.33 -16.05
C ASP A 36 -6.64 5.79 -16.20
N GLU A 37 -6.84 5.29 -17.43
CA GLU A 37 -6.92 3.86 -17.65
C GLU A 37 -5.66 3.11 -17.21
N SER A 38 -4.49 3.80 -17.16
CA SER A 38 -3.27 3.12 -16.72
C SER A 38 -3.10 3.11 -15.18
N GLY A 39 -4.12 3.55 -14.43
CA GLY A 39 -4.01 3.56 -12.97
C GLY A 39 -3.15 4.70 -12.45
N ASP A 40 -2.93 5.77 -13.26
CA ASP A 40 -2.14 6.91 -12.79
C ASP A 40 -3.04 8.09 -12.47
N PHE A 41 -2.80 8.70 -11.32
CA PHE A 41 -3.53 9.89 -10.89
C PHE A 41 -2.89 11.15 -11.46
N SER A 42 -3.71 12.18 -11.72
CA SER A 42 -3.18 13.48 -12.14
C SER A 42 -4.00 14.59 -11.47
N LEU A 43 -3.39 15.77 -11.26
CA LEU A 43 -4.12 16.88 -10.66
C LEU A 43 -5.04 17.52 -11.69
N VAL A 44 -6.28 17.83 -11.30
CA VAL A 44 -7.21 18.52 -12.21
C VAL A 44 -7.26 19.98 -11.78
N GLU A 45 -7.05 20.91 -12.72
CA GLU A 45 -7.11 22.34 -12.37
C GLU A 45 -7.96 23.11 -13.36
N GLY B 7 6.30 -22.12 2.09
CA GLY B 7 6.91 -20.90 2.61
C GLY B 7 6.23 -20.32 3.83
N GLU B 8 6.39 -19.01 4.05
CA GLU B 8 5.78 -18.33 5.18
C GLU B 8 4.38 -17.80 4.85
N THR B 9 3.39 -18.23 5.63
N THR B 9 3.39 -18.23 5.62
CA THR B 9 2.00 -17.82 5.40
CA THR B 9 2.00 -17.83 5.42
C THR B 9 1.41 -17.07 6.61
C THR B 9 1.42 -17.04 6.59
N THR B 10 2.24 -16.70 7.59
CA THR B 10 1.80 -15.97 8.76
C THR B 10 1.29 -14.59 8.33
N ASP B 11 0.17 -14.12 8.91
CA ASP B 11 -0.36 -12.79 8.66
C ASP B 11 0.72 -11.74 8.99
N GLY B 12 0.69 -10.62 8.31
CA GLY B 12 1.63 -9.54 8.58
C GLY B 12 2.07 -8.81 7.33
N VAL B 13 3.03 -7.91 7.51
CA VAL B 13 3.57 -7.08 6.46
C VAL B 13 4.87 -7.67 5.95
N TYR B 14 5.04 -7.68 4.61
CA TYR B 14 6.19 -8.33 3.98
C TYR B 14 6.86 -7.38 2.97
N ARG B 15 8.18 -7.51 2.80
CA ARG B 15 8.91 -6.80 1.77
C ARG B 15 8.84 -7.66 0.48
N VAL B 16 8.79 -7.03 -0.70
CA VAL B 16 8.83 -7.71 -1.98
C VAL B 16 10.17 -7.33 -2.59
N MET B 17 11.03 -8.32 -2.79
CA MET B 17 12.41 -8.16 -3.22
C MET B 17 12.69 -8.76 -4.59
N THR B 18 13.76 -8.29 -5.26
CA THR B 18 14.22 -8.89 -6.51
C THR B 18 15.75 -8.97 -6.54
N ARG B 19 16.28 -10.03 -7.16
CA ARG B 19 17.72 -10.17 -7.35
C ARG B 19 18.15 -9.90 -8.82
N ARG B 20 17.24 -9.38 -9.66
CA ARG B 20 17.46 -9.08 -11.08
C ARG B 20 18.40 -7.89 -11.29
N LEU B 21 18.31 -6.86 -10.43
CA LEU B 21 19.16 -5.65 -10.50
C LEU B 21 20.46 -5.84 -9.66
N LEU B 22 21.18 -4.76 -9.31
CA LEU B 22 22.39 -4.87 -8.50
C LEU B 22 22.00 -5.33 -7.08
N GLY B 23 22.68 -6.34 -6.55
CA GLY B 23 22.38 -6.87 -5.21
C GLY B 23 20.92 -7.32 -5.05
N SER B 24 20.36 -7.10 -3.84
CA SER B 24 18.97 -7.44 -3.54
C SER B 24 18.24 -6.12 -3.39
N THR B 25 17.21 -5.93 -4.20
CA THR B 25 16.51 -4.66 -4.25
C THR B 25 15.06 -4.77 -3.82
N GLN B 26 14.62 -3.86 -2.94
CA GLN B 26 13.24 -3.86 -2.51
C GLN B 26 12.38 -3.10 -3.49
N VAL B 27 11.50 -3.84 -4.19
CA VAL B 27 10.61 -3.17 -5.17
C VAL B 27 9.25 -2.77 -4.57
N GLY B 28 8.88 -3.33 -3.43
CA GLY B 28 7.64 -2.95 -2.77
C GLY B 28 7.41 -3.67 -1.47
N VAL B 29 6.14 -3.66 -1.02
CA VAL B 29 5.68 -4.22 0.24
C VAL B 29 4.26 -4.80 0.01
N GLY B 30 3.84 -5.68 0.90
CA GLY B 30 2.51 -6.27 0.83
C GLY B 30 1.98 -6.81 2.14
N VAL B 31 0.71 -7.20 2.13
CA VAL B 31 0.00 -7.68 3.29
C VAL B 31 -0.45 -9.11 3.11
N MET B 32 -0.06 -9.99 4.05
CA MET B 32 -0.54 -11.34 4.09
C MET B 32 -1.71 -11.37 5.11
N GLN B 33 -2.90 -11.81 4.66
CA GLN B 33 -4.05 -11.90 5.54
C GLN B 33 -4.94 -13.01 5.03
N GLU B 34 -5.37 -13.93 5.94
CA GLU B 34 -6.26 -15.06 5.57
C GLU B 34 -5.70 -15.90 4.41
N GLY B 35 -4.38 -16.09 4.40
CA GLY B 35 -3.71 -16.88 3.39
C GLY B 35 -3.59 -16.28 1.99
N VAL B 36 -3.87 -14.97 1.85
CA VAL B 36 -3.80 -14.22 0.59
C VAL B 36 -2.77 -13.09 0.71
N PHE B 37 -1.90 -12.95 -0.29
CA PHE B 37 -0.91 -11.88 -0.28
C PHE B 37 -1.45 -10.76 -1.14
N HIS B 38 -1.47 -9.54 -0.60
CA HIS B 38 -2.05 -8.34 -1.25
C HIS B 38 -0.96 -7.30 -1.48
N THR B 39 -0.83 -6.80 -2.71
CA THR B 39 0.15 -5.74 -2.98
C THR B 39 -0.40 -4.81 -4.11
N MET B 40 0.41 -3.81 -4.52
CA MET B 40 -0.01 -2.96 -5.62
C MET B 40 0.44 -3.58 -6.93
N TRP B 41 -0.38 -3.47 -8.00
CA TRP B 41 -0.03 -4.05 -9.29
CA TRP B 41 -0.03 -4.05 -9.28
C TRP B 41 1.34 -3.57 -9.79
N HIS B 42 1.64 -2.26 -9.67
CA HIS B 42 2.90 -1.77 -10.20
C HIS B 42 4.16 -2.37 -9.51
N VAL B 43 3.99 -2.95 -8.32
CA VAL B 43 5.12 -3.56 -7.59
C VAL B 43 5.58 -4.85 -8.30
N THR B 44 4.63 -5.72 -8.67
CA THR B 44 5.01 -7.01 -9.27
C THR B 44 4.73 -7.13 -10.76
N LYS B 45 3.91 -6.22 -11.31
CA LYS B 45 3.43 -6.28 -12.71
C LYS B 45 2.67 -7.61 -12.97
N GLY B 46 2.15 -8.23 -11.90
CA GLY B 46 1.40 -9.48 -11.99
C GLY B 46 2.25 -10.73 -12.05
N ALA B 47 3.58 -10.61 -11.88
CA ALA B 47 4.48 -11.76 -11.91
C ALA B 47 4.30 -12.68 -10.69
N ALA B 48 4.71 -13.95 -10.81
CA ALA B 48 4.68 -14.89 -9.70
C ALA B 48 5.72 -14.50 -8.63
N LEU B 49 5.48 -14.93 -7.37
CA LEU B 49 6.39 -14.62 -6.28
C LEU B 49 6.85 -15.90 -5.62
N ARG B 50 7.96 -15.79 -4.87
CA ARG B 50 8.49 -16.90 -4.13
C ARG B 50 8.46 -16.58 -2.63
N SER B 51 8.10 -17.56 -1.79
CA SER B 51 8.17 -17.45 -0.34
C SER B 51 9.00 -18.67 0.11
N GLY B 52 10.31 -18.49 0.29
CA GLY B 52 11.19 -19.63 0.59
C GLY B 52 11.23 -20.54 -0.62
N GLU B 53 10.81 -21.81 -0.47
CA GLU B 53 10.70 -22.72 -1.61
C GLU B 53 9.29 -22.73 -2.26
N GLY B 54 8.32 -22.05 -1.65
CA GLY B 54 6.94 -22.02 -2.14
C GLY B 54 6.69 -20.97 -3.19
N ARG B 55 5.69 -21.20 -4.04
CA ARG B 55 5.36 -20.28 -5.11
C ARG B 55 3.99 -19.65 -4.85
N LEU B 56 3.87 -18.33 -5.05
CA LEU B 56 2.59 -17.65 -4.93
C LEU B 56 2.23 -17.23 -6.35
N ASP B 57 1.10 -17.68 -6.85
CA ASP B 57 0.63 -17.31 -8.18
C ASP B 57 -0.43 -16.19 -8.09
N PRO B 58 -0.45 -15.24 -9.05
CA PRO B 58 -1.48 -14.18 -9.00
C PRO B 58 -2.86 -14.82 -9.12
N TYR B 59 -3.83 -14.27 -8.41
CA TYR B 59 -5.20 -14.78 -8.43
C TYR B 59 -6.17 -13.73 -9.04
N TRP B 60 -6.01 -12.47 -8.65
CA TRP B 60 -6.85 -11.36 -9.14
C TRP B 60 -5.96 -10.13 -9.28
N GLY B 61 -6.24 -9.30 -10.29
CA GLY B 61 -5.52 -8.04 -10.42
C GLY B 61 -6.25 -7.05 -11.30
N ASP B 62 -5.86 -5.76 -11.16
CA ASP B 62 -6.50 -4.70 -11.96
C ASP B 62 -5.55 -3.53 -12.03
N VAL B 63 -5.06 -3.21 -13.25
CA VAL B 63 -4.08 -2.13 -13.48
C VAL B 63 -4.67 -0.78 -13.07
N LYS B 64 -5.98 -0.59 -13.33
CA LYS B 64 -6.59 0.72 -13.02
C LYS B 64 -6.70 0.98 -11.51
N GLN B 65 -7.15 -0.04 -10.75
CA GLN B 65 -7.17 0.11 -9.27
C GLN B 65 -5.72 0.07 -8.72
N ASP B 66 -4.75 -0.50 -9.53
CA ASP B 66 -3.33 -0.72 -9.16
C ASP B 66 -3.22 -1.67 -7.96
N LEU B 67 -3.96 -2.78 -8.00
CA LEU B 67 -3.98 -3.80 -6.96
C LEU B 67 -3.85 -5.22 -7.53
N VAL B 68 -3.34 -6.14 -6.70
CA VAL B 68 -3.21 -7.56 -7.07
C VAL B 68 -3.22 -8.41 -5.79
N SER B 69 -3.84 -9.60 -5.88
CA SER B 69 -3.84 -10.59 -4.81
C SER B 69 -3.25 -11.90 -5.34
N TYR B 70 -2.67 -12.67 -4.44
CA TYR B 70 -2.00 -13.95 -4.73
C TYR B 70 -2.61 -15.01 -3.80
N CYS B 71 -2.79 -16.25 -4.33
CA CYS B 71 -3.31 -17.42 -3.59
C CYS B 71 -4.81 -17.41 -3.32
N GLY B 72 -5.46 -16.27 -3.53
CA GLY B 72 -6.89 -16.18 -3.29
C GLY B 72 -7.42 -14.79 -3.59
N PRO B 73 -8.75 -14.59 -3.43
CA PRO B 73 -9.35 -13.30 -3.74
C PRO B 73 -8.99 -12.22 -2.72
N TRP B 74 -9.10 -10.95 -3.11
CA TRP B 74 -8.81 -9.80 -2.21
C TRP B 74 -9.63 -9.93 -0.92
N LYS B 75 -8.95 -9.86 0.26
CA LYS B 75 -9.62 -10.07 1.56
C LYS B 75 -9.83 -8.80 2.36
N LEU B 76 -9.12 -7.72 2.04
CA LEU B 76 -9.15 -6.49 2.85
C LEU B 76 -10.37 -5.64 2.49
N ASP B 77 -11.25 -5.37 3.48
CA ASP B 77 -12.45 -4.59 3.19
C ASP B 77 -12.72 -3.44 4.16
N ALA B 78 -11.86 -3.22 5.14
CA ALA B 78 -12.05 -2.09 6.06
C ALA B 78 -11.90 -0.77 5.29
N ALA B 79 -12.63 0.26 5.73
CA ALA B 79 -12.63 1.55 5.05
C ALA B 79 -12.29 2.67 6.02
N TRP B 80 -11.59 3.73 5.53
CA TRP B 80 -11.33 4.93 6.33
C TRP B 80 -12.71 5.55 6.72
N ASP B 81 -12.88 5.93 8.02
CA ASP B 81 -14.20 6.49 8.42
C ASP B 81 -14.44 7.93 7.95
N GLY B 82 -13.43 8.58 7.36
CA GLY B 82 -13.56 9.95 6.86
C GLY B 82 -13.36 11.04 7.91
N LEU B 83 -13.01 10.65 9.15
CA LEU B 83 -12.86 11.61 10.26
C LEU B 83 -11.58 11.45 11.06
N SER B 84 -11.18 10.21 11.31
CA SER B 84 -10.09 9.90 12.21
C SER B 84 -8.70 9.81 11.60
N GLU B 85 -7.67 9.97 12.46
CA GLU B 85 -6.29 9.78 12.07
C GLU B 85 -6.11 8.26 11.82
N VAL B 86 -5.16 7.96 10.98
CA VAL B 86 -4.84 6.58 10.61
C VAL B 86 -3.32 6.42 10.77
N GLN B 87 -2.78 5.20 10.58
CA GLN B 87 -1.36 5.00 10.60
C GLN B 87 -0.87 4.33 9.34
N LEU B 88 0.18 4.89 8.72
CA LEU B 88 0.87 4.22 7.63
C LEU B 88 1.96 3.33 8.34
N LEU B 89 1.95 2.03 8.07
CA LEU B 89 2.95 1.14 8.59
C LEU B 89 3.96 1.06 7.46
N ALA B 90 4.83 2.08 7.40
CA ALA B 90 5.86 2.22 6.39
C ALA B 90 6.95 1.19 6.51
N VAL B 91 7.27 0.49 5.40
CA VAL B 91 8.37 -0.48 5.43
C VAL B 91 9.37 -0.01 4.35
N PRO B 92 10.23 0.97 4.66
CA PRO B 92 11.15 1.50 3.62
C PRO B 92 12.29 0.55 3.29
N PRO B 93 12.85 0.66 2.09
CA PRO B 93 13.97 -0.23 1.72
C PRO B 93 15.14 -0.13 2.71
N GLY B 94 15.61 -1.28 3.17
CA GLY B 94 16.75 -1.40 4.09
C GLY B 94 16.53 -0.89 5.51
N GLU B 95 15.29 -0.49 5.82
CA GLU B 95 14.95 0.09 7.10
C GLU B 95 13.83 -0.66 7.82
N ARG B 96 13.81 -0.60 9.17
CA ARG B 96 12.80 -1.28 9.99
C ARG B 96 11.41 -0.75 9.73
N ALA B 97 10.36 -1.61 9.87
CA ALA B 97 8.96 -1.18 9.76
C ALA B 97 8.68 -0.11 10.83
N LYS B 98 7.96 0.97 10.47
CA LYS B 98 7.72 2.08 11.41
C LYS B 98 6.31 2.63 11.20
N ASN B 99 5.58 2.88 12.29
CA ASN B 99 4.24 3.46 12.24
C ASN B 99 4.28 4.99 12.24
N ILE B 100 3.53 5.62 11.31
CA ILE B 100 3.43 7.07 11.21
C ILE B 100 1.97 7.39 11.25
N GLN B 101 1.57 8.22 12.22
CA GLN B 101 0.18 8.61 12.39
C GLN B 101 -0.06 9.92 11.64
N THR B 102 -1.22 10.03 10.95
CA THR B 102 -1.53 11.19 10.15
C THR B 102 -3.03 11.33 9.99
N LEU B 103 -3.54 12.55 9.65
CA LEU B 103 -4.95 12.72 9.35
C LEU B 103 -5.02 12.79 7.84
N PRO B 104 -5.70 11.81 7.17
CA PRO B 104 -5.73 11.86 5.72
C PRO B 104 -6.42 13.11 5.17
N GLY B 105 -5.99 13.51 3.99
CA GLY B 105 -6.69 14.48 3.19
C GLY B 105 -7.66 13.71 2.29
N ILE B 106 -8.10 14.33 1.19
CA ILE B 106 -9.07 13.73 0.27
C ILE B 106 -8.64 13.91 -1.18
N PHE B 107 -8.81 12.86 -1.98
CA PHE B 107 -8.70 12.94 -3.44
C PHE B 107 -10.18 13.03 -3.90
N LYS B 108 -10.59 14.12 -4.56
CA LYS B 108 -11.95 14.28 -5.07
C LYS B 108 -11.91 13.90 -6.54
N THR B 109 -12.70 12.90 -6.94
CA THR B 109 -12.71 12.46 -8.34
C THR B 109 -14.13 12.53 -8.91
N LYS B 110 -14.28 12.38 -10.25
CA LYS B 110 -15.60 12.38 -10.89
C LYS B 110 -16.45 11.16 -10.41
N ASP B 111 -15.81 10.13 -9.83
CA ASP B 111 -16.47 8.91 -9.34
C ASP B 111 -16.55 8.82 -7.82
N GLY B 112 -16.29 9.91 -7.11
CA GLY B 112 -16.34 9.91 -5.67
C GLY B 112 -15.04 10.27 -5.02
N ASP B 113 -15.09 10.47 -3.69
CA ASP B 113 -13.96 10.87 -2.87
C ASP B 113 -13.27 9.68 -2.23
N ILE B 114 -11.94 9.79 -2.10
CA ILE B 114 -11.08 8.75 -1.56
C ILE B 114 -10.12 9.41 -0.56
N GLY B 115 -9.79 8.75 0.57
CA GLY B 115 -8.83 9.31 1.51
C GLY B 115 -7.44 9.32 0.88
N ALA B 116 -6.57 10.23 1.34
CA ALA B 116 -5.21 10.31 0.81
C ALA B 116 -4.24 10.65 1.92
N VAL B 117 -3.05 10.05 1.91
CA VAL B 117 -2.05 10.34 2.94
CA VAL B 117 -2.01 10.25 2.93
C VAL B 117 -0.83 11.11 2.38
N ALA B 118 -0.54 12.29 3.00
CA ALA B 118 0.53 13.17 2.53
C ALA B 118 1.87 12.86 3.20
N LEU B 119 2.37 11.65 2.90
CA LEU B 119 3.63 11.16 3.44
C LEU B 119 4.48 10.70 2.25
N ASP B 120 5.77 11.06 2.27
CA ASP B 120 6.69 10.75 1.19
C ASP B 120 7.77 9.77 1.61
N TYR B 121 7.74 8.57 1.01
CA TYR B 121 8.73 7.53 1.25
C TYR B 121 9.28 7.02 -0.11
N PRO B 122 10.45 6.35 -0.16
CA PRO B 122 10.96 5.86 -1.44
C PRO B 122 9.93 4.95 -2.15
N ALA B 123 9.96 4.94 -3.48
CA ALA B 123 9.04 4.12 -4.29
C ALA B 123 8.94 2.63 -3.88
N GLY B 124 10.04 2.07 -3.36
CA GLY B 124 10.02 0.67 -2.93
C GLY B 124 9.23 0.45 -1.65
N THR B 125 8.64 1.51 -1.05
CA THR B 125 7.75 1.43 0.11
C THR B 125 6.27 1.17 -0.38
N SER B 126 6.03 1.22 -1.71
CA SER B 126 4.67 1.03 -2.29
C SER B 126 4.13 -0.33 -1.86
N GLY B 127 2.87 -0.35 -1.43
CA GLY B 127 2.24 -1.57 -0.92
C GLY B 127 2.16 -1.59 0.60
N SER B 128 2.83 -0.62 1.30
CA SER B 128 2.74 -0.59 2.76
C SER B 128 1.29 -0.34 3.18
N PRO B 129 0.84 -0.99 4.27
CA PRO B 129 -0.55 -0.83 4.68
C PRO B 129 -0.84 0.41 5.49
N ILE B 130 -2.08 0.92 5.31
CA ILE B 130 -2.59 2.04 6.11
C ILE B 130 -3.64 1.39 7.04
N LEU B 131 -3.60 1.70 8.34
CA LEU B 131 -4.47 1.06 9.31
C LEU B 131 -5.37 1.99 10.09
N ASP B 132 -6.52 1.45 10.56
CA ASP B 132 -7.35 2.20 11.49
C ASP B 132 -6.92 1.83 12.95
N LYS B 133 -7.61 2.41 13.95
CA LYS B 133 -7.33 2.25 15.37
C LYS B 133 -7.55 0.85 15.91
N CYS B 134 -8.22 -0.02 15.16
CA CYS B 134 -8.36 -1.43 15.55
C CYS B 134 -7.34 -2.32 14.87
N GLY B 135 -6.41 -1.75 14.11
CA GLY B 135 -5.39 -2.53 13.41
C GLY B 135 -5.88 -3.09 12.08
N ARG B 136 -7.06 -2.68 11.62
CA ARG B 136 -7.59 -3.17 10.32
C ARG B 136 -6.97 -2.43 9.16
N VAL B 137 -6.59 -3.16 8.07
CA VAL B 137 -5.99 -2.54 6.89
C VAL B 137 -7.09 -1.86 6.06
N ILE B 138 -7.07 -0.51 6.03
CA ILE B 138 -8.06 0.25 5.24
C ILE B 138 -7.62 0.59 3.79
N GLY B 139 -6.41 0.15 3.42
CA GLY B 139 -5.86 0.34 2.08
C GLY B 139 -4.35 0.24 2.03
N LEU B 140 -3.78 0.38 0.83
CA LEU B 140 -2.33 0.31 0.61
C LEU B 140 -1.82 1.62 0.03
N TYR B 141 -0.59 1.96 0.45
CA TYR B 141 0.09 3.20 0.11
C TYR B 141 0.93 3.07 -1.14
N GLY B 142 0.93 4.09 -2.03
CA GLY B 142 1.86 4.02 -3.16
C GLY B 142 1.36 4.36 -4.54
N ASN B 143 0.08 4.69 -4.65
CA ASN B 143 -0.48 5.12 -5.93
C ASN B 143 -0.97 6.55 -5.68
N GLY B 144 -0.24 7.53 -6.18
CA GLY B 144 -0.53 8.92 -5.87
C GLY B 144 -0.08 9.96 -6.86
N VAL B 145 0.14 11.20 -6.36
CA VAL B 145 0.45 12.31 -7.23
C VAL B 145 1.41 13.29 -6.55
N VAL B 146 2.06 14.16 -7.34
CA VAL B 146 2.93 15.23 -6.85
C VAL B 146 2.08 16.51 -6.94
N ILE B 147 1.97 17.28 -5.83
CA ILE B 147 1.12 18.48 -5.85
C ILE B 147 1.94 19.78 -6.07
N LYS B 148 1.26 20.93 -6.25
CA LYS B 148 1.86 22.26 -6.48
C LYS B 148 3.22 22.50 -5.82
N ASN B 149 3.33 22.38 -4.49
CA ASN B 149 4.58 22.64 -3.78
C ASN B 149 5.66 21.55 -3.90
N GLY B 150 5.41 20.53 -4.72
CA GLY B 150 6.35 19.45 -4.95
C GLY B 150 6.24 18.27 -4.00
N SER B 151 5.26 18.30 -3.08
CA SER B 151 5.08 17.21 -2.12
CA SER B 151 5.12 17.20 -2.13
C SER B 151 4.31 16.03 -2.73
N TYR B 152 4.60 14.82 -2.29
CA TYR B 152 3.93 13.60 -2.78
C TYR B 152 2.75 13.24 -1.87
N VAL B 153 1.60 12.84 -2.47
CA VAL B 153 0.43 12.47 -1.70
C VAL B 153 -0.10 11.15 -2.31
N SER B 154 -0.30 10.15 -1.48
CA SER B 154 -0.78 8.83 -1.97
C SER B 154 -2.28 8.60 -1.67
N ALA B 155 -3.03 7.94 -2.57
CA ALA B 155 -4.42 7.58 -2.25
C ALA B 155 -4.36 6.48 -1.16
N ILE B 156 -5.43 6.29 -0.41
CA ILE B 156 -5.60 5.12 0.44
C ILE B 156 -6.33 4.15 -0.55
N THR B 157 -5.56 3.28 -1.20
CA THR B 157 -6.17 2.41 -2.22
C THR B 157 -6.69 1.10 -1.60
N GLN B 158 -8.02 0.86 -1.64
CA GLN B 158 -8.60 -0.37 -1.09
C GLN B 158 -9.30 -1.17 -2.22
N GLY B 159 -9.26 -2.49 -2.13
CA GLY B 159 -9.94 -3.38 -3.07
C GLY B 159 -11.33 -3.75 -2.58
N LYS B 160 -12.00 -4.65 -3.31
CA LYS B 160 -13.34 -5.09 -2.93
C LYS B 160 -13.29 -6.56 -2.56
N ARG B 161 -13.86 -6.91 -1.41
CA ARG B 161 -13.91 -8.29 -0.97
C ARG B 161 -15.19 -8.88 -1.57
N GLU B 162 -15.05 -9.76 -2.55
CA GLU B 162 -16.17 -10.40 -3.25
C GLU B 162 -16.91 -11.37 -2.34
N1 A1AKA C . 2.36 2.87 -11.81
C4 A1AKA C . -0.06 2.83 -11.53
C5 A1AKA C . 1.28 4.16 -9.99
C6 A1AKA C . 2.50 3.58 -10.67
C A1AKA C . 4.49 4.27 -9.18
C1 A1AKA C . 3.83 3.61 -10.37
N A1AKA C . 3.56 2.43 -12.28
C2 A1AKA C . 4.45 2.88 -11.41
N2 A1AKA C . 0.09 4.13 -10.85
C3 A1AKA C . 1.10 2.57 -12.48
S DMS D . 4.38 -11.05 -16.26
O DMS D . 3.14 -11.19 -15.42
C1 DMS D . 5.73 -12.00 -15.56
C2 DMS D . 5.18 -9.47 -15.85
N1 A1AKA E . 6.73 7.35 -5.73
C4 A1AKA E . 7.58 9.64 -5.65
C5 A1AKA E . 7.10 8.48 -3.57
C6 A1AKA E . 6.57 7.34 -4.39
C A1AKA E . 5.52 5.74 -2.70
C1 A1AKA E . 5.89 6.20 -4.08
N A1AKA E . 6.15 6.27 -6.32
C2 A1AKA E . 5.64 5.58 -5.32
N2 A1AKA E . 8.06 9.30 -4.29
C3 A1AKA E . 7.43 8.39 -6.51
#